data_9J28
#
_entry.id   9J28
#
_cell.length_a   38.507
_cell.length_b   122.295
_cell.length_c   136.190
_cell.angle_alpha   90.00
_cell.angle_beta   90.00
_cell.angle_gamma   90.00
#
_symmetry.space_group_name_H-M   'P 21 21 21'
#
loop_
_entity.id
_entity.type
_entity.pdbx_description
1 polymer SzPolF
2 non-polymer 'FE (II) ION'
3 non-polymer '(~{Z},2~{S})-2-azanyl-3-methyl-pent-3-enoic acid'
4 water water
#
_entity_poly.entity_id   1
_entity_poly.type   'polypeptide(L)'
_entity_poly.pdbx_seq_one_letter_code
;MSAPDTRTPLSPLPAVARAELDARTEREIDRARLRRADNGFFRSARDVESVSPADGHAVAVWWRQMTKAFMFTTLAGLGA
LARDYARRDADRELLGAFQTVYQVIGDDLDNAAPEFSAVAPTGPAGIHYVWWDDTIVAPLAAHVTEADRRAAEELPAPVR
ELLAAMDRLAAEPLGSAVQLRVVETIALDIAVGFRRVYGKVLAGGEPVFGEKDQFAWIDAHIKAETVHAAQVSDDETGMT
GLVTDAERGEEFVRLVEEYAGLWSAALECFGDRLTGAEAAVPAPAPATA
;
_entity_poly.pdbx_strand_id   A,B
#
loop_
_chem_comp.id
_chem_comp.type
_chem_comp.name
_chem_comp.formula
A1EAJ non-polymer '(~{Z},2~{S})-2-azanyl-3-methyl-pent-3-enoic acid' 'C6 H11 N O2'
FE2 non-polymer 'FE (II) ION' 'Fe 2'
#
# COMPACT_ATOMS: atom_id res chain seq x y z
N PRO A 9 22.21 -3.85 6.98
CA PRO A 9 22.76 -2.67 6.32
C PRO A 9 22.28 -2.58 4.86
N LEU A 10 21.43 -1.59 4.58
CA LEU A 10 20.83 -1.42 3.25
C LEU A 10 20.47 0.05 3.10
N SER A 11 21.22 0.77 2.29
CA SER A 11 21.16 2.22 2.18
C SER A 11 20.95 2.62 0.72
N PRO A 12 20.52 3.84 0.48
CA PRO A 12 20.44 4.33 -0.91
C PRO A 12 21.83 4.66 -1.44
N LEU A 13 21.87 4.97 -2.73
CA LEU A 13 23.10 5.42 -3.36
C LEU A 13 23.51 6.80 -2.81
N PRO A 14 24.79 7.14 -2.88
CA PRO A 14 25.22 8.49 -2.50
C PRO A 14 24.51 9.54 -3.36
N ALA A 15 24.27 10.70 -2.76
CA ALA A 15 23.52 11.76 -3.42
C ALA A 15 24.11 12.10 -4.78
N VAL A 16 25.42 11.93 -4.95
CA VAL A 16 26.05 12.24 -6.24
C VAL A 16 25.56 11.28 -7.32
N ALA A 17 25.53 9.98 -7.01
CA ALA A 17 25.10 9.00 -8.00
C ALA A 17 23.60 9.14 -8.29
N ARG A 18 22.81 9.45 -7.27
CA ARG A 18 21.37 9.55 -7.49
C ARG A 18 21.01 10.72 -8.39
N ALA A 19 21.80 11.80 -8.35
CA ALA A 19 21.57 12.90 -9.27
C ALA A 19 21.92 12.51 -10.70
N GLU A 20 22.96 11.70 -10.88
CA GLU A 20 23.24 11.19 -12.21
C GLU A 20 22.10 10.31 -12.70
N LEU A 21 21.61 9.41 -11.84
CA LEU A 21 20.45 8.60 -12.18
C LEU A 21 19.26 9.48 -12.55
N ASP A 22 19.01 10.52 -11.76
CA ASP A 22 17.86 11.36 -12.03
C ASP A 22 18.01 12.09 -13.35
N ALA A 23 19.25 12.47 -13.69
CA ALA A 23 19.46 13.15 -14.96
C ALA A 23 19.33 12.19 -16.13
N ARG A 24 19.78 10.95 -15.96
CA ARG A 24 19.57 9.95 -16.99
C ARG A 24 18.09 9.66 -17.17
N THR A 25 17.33 9.69 -16.07
CA THR A 25 15.90 9.46 -16.11
C THR A 25 15.16 10.59 -16.83
N GLU A 26 15.57 11.83 -16.62
CA GLU A 26 14.95 12.91 -17.39
C GLU A 26 15.35 12.83 -18.86
N ARG A 27 16.56 12.35 -19.16
CA ARG A 27 16.93 12.17 -20.56
C ARG A 27 16.03 11.16 -21.24
N GLU A 28 15.73 10.06 -20.56
CA GLU A 28 14.86 9.05 -21.18
C GLU A 28 13.45 9.59 -21.39
N ILE A 29 12.94 10.40 -20.46
CA ILE A 29 11.60 10.96 -20.62
C ILE A 29 11.54 11.96 -21.78
N ASP A 30 12.63 12.69 -22.00
CA ASP A 30 12.75 13.56 -23.19
C ASP A 30 12.79 12.72 -24.47
N ARG A 31 13.69 11.72 -24.53
CA ARG A 31 13.77 10.88 -25.71
C ARG A 31 12.46 10.20 -26.03
N ALA A 32 11.67 9.87 -25.01
CA ALA A 32 10.38 9.24 -25.28
C ALA A 32 9.35 10.22 -25.81
N ARG A 33 9.69 11.51 -25.88
CA ARG A 33 8.79 12.54 -26.40
C ARG A 33 7.49 12.58 -25.58
N LEU A 34 7.66 12.71 -24.27
CA LEU A 34 6.55 12.80 -23.35
C LEU A 34 6.31 14.23 -22.86
N ARG A 35 7.18 15.18 -23.19
CA ARG A 35 7.04 16.54 -22.70
C ARG A 35 5.78 17.20 -23.27
N ARG A 36 5.42 18.33 -22.66
CA ARG A 36 4.21 19.05 -23.02
C ARG A 36 4.11 19.33 -24.51
N ALA A 37 5.19 19.83 -25.11
CA ALA A 37 5.14 20.19 -26.53
C ALA A 37 5.35 19.00 -27.46
N ASP A 38 5.74 17.84 -26.95
CA ASP A 38 6.18 16.73 -27.79
C ASP A 38 5.03 15.82 -28.20
N ASN A 39 4.20 15.45 -27.25
CA ASN A 39 3.37 14.27 -27.42
C ASN A 39 2.09 14.63 -28.15
N GLY A 40 1.74 13.78 -29.11
CA GLY A 40 0.59 14.06 -29.95
C GLY A 40 -0.70 14.23 -29.18
N PHE A 41 -0.81 13.61 -28.00
CA PHE A 41 -2.04 13.74 -27.24
C PHE A 41 -2.25 15.17 -26.79
N PHE A 42 -1.21 15.80 -26.23
CA PHE A 42 -1.34 17.16 -25.72
C PHE A 42 -1.59 18.13 -26.86
N ARG A 43 -0.87 17.96 -27.96
CA ARG A 43 -1.07 18.78 -29.14
C ARG A 43 -2.49 18.67 -29.67
N SER A 44 -2.98 17.44 -29.83
CA SER A 44 -4.30 17.23 -30.38
C SER A 44 -5.36 17.81 -29.46
N ALA A 45 -5.15 17.67 -28.15
CA ALA A 45 -6.07 18.24 -27.18
C ALA A 45 -6.16 19.75 -27.30
N ARG A 46 -5.05 20.44 -27.62
CA ARG A 46 -5.11 21.88 -27.87
C ARG A 46 -5.85 22.18 -29.17
N ASP A 47 -5.53 21.42 -30.24
CA ASP A 47 -5.80 21.81 -31.63
C ASP A 47 -7.23 21.50 -32.10
N VAL A 48 -7.79 20.34 -31.73
CA VAL A 48 -9.06 19.96 -32.35
C VAL A 48 -10.15 20.98 -32.04
N GLU A 49 -11.09 21.13 -32.97
CA GLU A 49 -12.20 22.03 -32.77
C GLU A 49 -13.30 21.39 -31.94
N SER A 50 -13.62 20.15 -32.24
CA SER A 50 -14.64 19.43 -31.49
C SER A 50 -14.19 17.98 -31.38
N VAL A 51 -14.81 17.29 -30.43
CA VAL A 51 -14.58 15.88 -30.21
C VAL A 51 -15.94 15.21 -30.24
N SER A 52 -16.02 14.10 -30.94
CA SER A 52 -17.28 13.39 -31.02
C SER A 52 -17.51 12.60 -29.73
N PRO A 53 -18.77 12.34 -29.39
CA PRO A 53 -19.04 11.48 -28.24
C PRO A 53 -18.37 10.13 -28.32
N ALA A 54 -18.36 9.53 -29.51
CA ALA A 54 -17.73 8.23 -29.69
C ALA A 54 -16.22 8.30 -29.51
N ASP A 55 -15.57 9.34 -30.01
CA ASP A 55 -14.12 9.40 -29.85
C ASP A 55 -13.76 9.68 -28.41
N GLY A 56 -14.48 10.59 -27.75
CA GLY A 56 -14.20 10.88 -26.36
C GLY A 56 -14.53 9.70 -25.46
N HIS A 57 -15.63 9.03 -25.73
CA HIS A 57 -15.95 7.83 -24.98
C HIS A 57 -14.83 6.79 -25.10
N ALA A 58 -14.28 6.60 -26.30
CA ALA A 58 -13.28 5.55 -26.45
C ALA A 58 -12.03 5.86 -25.65
N VAL A 59 -11.46 7.07 -25.81
CA VAL A 59 -10.33 7.48 -25.00
C VAL A 59 -10.62 7.36 -23.51
N ALA A 60 -11.87 7.57 -23.10
CA ALA A 60 -12.17 7.49 -21.66
C ALA A 60 -12.21 6.05 -21.20
N VAL A 61 -12.74 5.16 -22.03
CA VAL A 61 -12.69 3.74 -21.71
C VAL A 61 -11.24 3.27 -21.65
N TRP A 62 -10.42 3.73 -22.60
CA TRP A 62 -9.02 3.32 -22.57
C TRP A 62 -8.35 3.85 -21.31
N TRP A 63 -8.69 5.07 -20.91
CA TRP A 63 -8.04 5.67 -19.76
C TRP A 63 -8.46 4.99 -18.46
N ARG A 64 -9.76 4.67 -18.35
CA ARG A 64 -10.24 3.88 -17.22
C ARG A 64 -9.40 2.64 -17.01
N GLN A 65 -9.16 1.87 -18.08
CA GLN A 65 -8.38 0.66 -17.93
C GLN A 65 -6.91 0.98 -17.61
N MET A 66 -6.39 2.09 -18.10
CA MET A 66 -4.97 2.35 -17.89
C MET A 66 -4.69 2.85 -16.47
N THR A 67 -5.57 3.70 -15.94
CA THR A 67 -5.29 4.23 -14.61
C THR A 67 -5.60 3.18 -13.52
N LYS A 68 -6.59 2.33 -13.75
CA LYS A 68 -6.82 1.17 -12.91
C LYS A 68 -5.56 0.29 -12.80
N ALA A 69 -5.00 -0.12 -13.92
CA ALA A 69 -3.83 -0.98 -13.84
C ALA A 69 -2.68 -0.24 -13.22
N PHE A 70 -2.56 1.05 -13.49
CA PHE A 70 -1.47 1.80 -12.90
C PHE A 70 -1.58 1.81 -11.37
N MET A 71 -2.78 2.05 -10.85
CA MET A 71 -2.95 2.01 -9.39
C MET A 71 -2.60 0.66 -8.82
N PHE A 72 -3.22 -0.40 -9.35
CA PHE A 72 -3.05 -1.74 -8.79
C PHE A 72 -1.61 -2.25 -8.97
N THR A 73 -0.97 -1.98 -10.12
CA THR A 73 0.35 -2.56 -10.30
C THR A 73 1.44 -1.77 -9.60
N THR A 74 1.23 -0.47 -9.38
CA THR A 74 2.14 0.27 -8.52
C THR A 74 2.04 -0.23 -7.08
N LEU A 75 0.82 -0.44 -6.61
CA LEU A 75 0.64 -1.03 -5.28
C LEU A 75 1.31 -2.41 -5.21
N ALA A 76 1.11 -3.24 -6.24
CA ALA A 76 1.73 -4.55 -6.26
C ALA A 76 3.24 -4.42 -6.28
N GLY A 77 3.77 -3.49 -7.08
CA GLY A 77 5.20 -3.24 -7.07
C GLY A 77 5.69 -2.83 -5.69
N LEU A 78 4.91 -2.00 -4.99
CA LEU A 78 5.26 -1.66 -3.63
C LEU A 78 5.24 -2.90 -2.73
N GLY A 79 4.27 -3.77 -2.92
CA GLY A 79 4.27 -5.03 -2.19
C GLY A 79 5.50 -5.86 -2.46
N ALA A 80 5.93 -5.94 -3.73
CA ALA A 80 7.17 -6.66 -4.06
C ALA A 80 8.34 -6.13 -3.23
N LEU A 81 8.52 -4.82 -3.18
CA LEU A 81 9.65 -4.25 -2.43
C LEU A 81 9.50 -4.55 -0.93
N ALA A 82 8.28 -4.52 -0.41
CA ALA A 82 8.05 -4.85 0.99
C ALA A 82 8.48 -6.27 1.33
N ARG A 83 8.30 -7.20 0.40
CA ARG A 83 8.77 -8.57 0.59
C ARG A 83 10.27 -8.62 0.87
N ASP A 84 11.05 -7.85 0.08
CA ASP A 84 12.49 -7.77 0.33
C ASP A 84 12.77 -7.12 1.68
N TYR A 85 12.08 -6.02 1.98
CA TYR A 85 12.37 -5.25 3.18
C TYR A 85 12.04 -6.01 4.45
N ALA A 86 11.16 -7.01 4.35
CA ALA A 86 10.82 -7.84 5.51
C ALA A 86 12.04 -8.60 6.01
N ARG A 87 13.00 -8.87 5.15
CA ARG A 87 14.14 -9.71 5.49
C ARG A 87 15.47 -8.97 5.39
N ARG A 88 15.46 -7.69 5.05
CA ARG A 88 16.63 -6.84 5.12
C ARG A 88 16.40 -5.74 6.18
N ASP A 89 17.46 -4.96 6.44
CA ASP A 89 17.40 -3.85 7.40
C ASP A 89 17.54 -2.56 6.62
N ALA A 90 16.44 -2.11 6.03
CA ALA A 90 16.45 -0.84 5.32
C ALA A 90 16.73 0.28 6.29
N ASP A 91 17.62 1.19 5.93
CA ASP A 91 17.89 2.31 6.80
C ASP A 91 16.78 3.35 6.66
N ARG A 92 16.88 4.41 7.45
CA ARG A 92 15.77 5.34 7.59
C ARG A 92 15.48 6.08 6.29
N GLU A 93 16.52 6.43 5.51
CA GLU A 93 16.29 7.11 4.24
C GLU A 93 15.52 6.22 3.26
N LEU A 94 15.89 4.94 3.14
CA LEU A 94 15.08 4.02 2.37
C LEU A 94 13.66 3.94 2.91
N LEU A 95 13.52 3.82 4.23
CA LEU A 95 12.19 3.73 4.81
C LEU A 95 11.37 4.98 4.51
N GLY A 96 12.03 6.14 4.46
CA GLY A 96 11.32 7.36 4.14
C GLY A 96 10.83 7.38 2.71
N ALA A 97 11.66 6.90 1.78
CA ALA A 97 11.22 6.82 0.40
C ALA A 97 10.11 5.79 0.23
N PHE A 98 10.14 4.72 1.02
CA PHE A 98 9.08 3.71 0.99
C PHE A 98 7.76 4.26 1.50
N GLN A 99 7.80 5.04 2.58
CA GLN A 99 6.61 5.75 3.07
C GLN A 99 6.02 6.64 1.99
N THR A 100 6.88 7.39 1.32
CA THR A 100 6.40 8.31 0.30
C THR A 100 5.58 7.58 -0.75
N VAL A 101 6.09 6.45 -1.26
CA VAL A 101 5.38 5.69 -2.28
C VAL A 101 4.02 5.26 -1.78
N TYR A 102 3.97 4.76 -0.55
CA TYR A 102 2.70 4.39 0.03
C TYR A 102 1.76 5.59 0.09
N GLN A 103 2.28 6.78 0.39
CA GLN A 103 1.39 7.94 0.47
C GLN A 103 0.83 8.30 -0.90
N VAL A 104 1.67 8.27 -1.95
CA VAL A 104 1.24 8.69 -3.28
C VAL A 104 0.19 7.73 -3.83
N ILE A 105 0.36 6.42 -3.60
CA ILE A 105 -0.67 5.45 -3.98
C ILE A 105 -2.00 5.79 -3.32
N GLY A 106 -1.95 6.29 -2.09
CA GLY A 106 -3.18 6.64 -1.37
C GLY A 106 -4.01 7.71 -2.03
N ASP A 107 -3.42 8.53 -2.90
CA ASP A 107 -4.24 9.49 -3.65
C ASP A 107 -5.25 8.76 -4.52
N ASP A 108 -4.82 7.74 -5.26
CA ASP A 108 -5.70 7.10 -6.22
C ASP A 108 -6.61 6.08 -5.56
N LEU A 109 -6.16 5.47 -4.47
CA LEU A 109 -6.91 4.42 -3.79
C LEU A 109 -7.80 4.94 -2.68
N ASP A 110 -7.37 6.00 -1.99
CA ASP A 110 -8.11 6.50 -0.83
C ASP A 110 -8.20 8.02 -0.78
N ASN A 111 -7.81 8.73 -1.83
CA ASN A 111 -7.93 10.18 -1.86
C ASN A 111 -7.25 10.83 -0.65
N ALA A 112 -6.04 10.35 -0.31
CA ALA A 112 -5.35 10.82 0.89
C ALA A 112 -5.10 12.32 0.86
N ALA A 113 -4.61 12.83 -0.27
CA ALA A 113 -4.29 14.25 -0.37
C ALA A 113 -5.55 15.10 -0.17
N PRO A 114 -5.45 16.23 0.53
CA PRO A 114 -6.67 17.01 0.83
C PRO A 114 -7.30 17.62 -0.41
N GLU A 115 -6.51 17.84 -1.47
CA GLU A 115 -7.09 18.35 -2.70
C GLU A 115 -8.08 17.35 -3.30
N PHE A 116 -7.81 16.06 -3.11
CA PHE A 116 -8.74 15.05 -3.58
C PHE A 116 -9.87 14.80 -2.58
N SER A 117 -9.56 14.69 -1.29
CA SER A 117 -10.64 14.40 -0.35
C SER A 117 -11.63 15.55 -0.27
N ALA A 118 -11.23 16.76 -0.66
CA ALA A 118 -12.17 17.86 -0.68
C ALA A 118 -13.34 17.60 -1.62
N VAL A 119 -13.15 16.86 -2.71
CA VAL A 119 -14.19 16.80 -3.73
C VAL A 119 -14.60 15.38 -4.11
N ALA A 120 -13.70 14.42 -3.89
CA ALA A 120 -13.96 13.04 -4.28
C ALA A 120 -15.09 12.44 -3.46
N PRO A 121 -15.80 11.47 -4.00
CA PRO A 121 -16.74 10.70 -3.16
C PRO A 121 -16.00 9.79 -2.22
N THR A 122 -16.65 9.46 -1.10
CA THR A 122 -16.01 8.63 -0.10
C THR A 122 -16.12 7.16 -0.48
N GLY A 123 -15.22 6.36 0.08
CA GLY A 123 -15.24 4.93 -0.11
C GLY A 123 -14.82 4.54 -1.51
N PRO A 124 -15.24 3.36 -1.95
CA PRO A 124 -14.73 2.84 -3.22
C PRO A 124 -15.17 3.65 -4.43
N ALA A 125 -16.30 4.37 -4.35
CA ALA A 125 -16.68 5.27 -5.43
C ALA A 125 -15.64 6.37 -5.67
N GLY A 126 -14.70 6.55 -4.75
CA GLY A 126 -13.71 7.60 -4.88
C GLY A 126 -12.38 7.11 -5.42
N ILE A 127 -12.20 5.78 -5.51
CA ILE A 127 -11.02 5.26 -6.18
C ILE A 127 -10.98 5.86 -7.57
N HIS A 128 -9.81 6.32 -7.97
CA HIS A 128 -9.78 7.23 -9.11
C HIS A 128 -10.28 6.62 -10.40
N TYR A 129 -10.02 5.33 -10.64
CA TYR A 129 -10.52 4.75 -11.88
C TYR A 129 -12.03 4.58 -11.83
N VAL A 130 -12.57 4.26 -10.65
CA VAL A 130 -14.02 4.16 -10.47
C VAL A 130 -14.67 5.53 -10.59
N TRP A 131 -14.13 6.52 -9.88
CA TRP A 131 -14.60 7.89 -9.99
C TRP A 131 -14.63 8.38 -11.44
N TRP A 132 -13.57 8.09 -12.21
CA TRP A 132 -13.54 8.45 -13.63
C TRP A 132 -14.62 7.71 -14.41
N ASP A 133 -14.75 6.42 -14.16
CA ASP A 133 -15.81 5.63 -14.77
C ASP A 133 -17.16 6.28 -14.51
N ASP A 134 -17.41 6.71 -13.27
CA ASP A 134 -18.72 7.24 -12.90
C ASP A 134 -18.96 8.64 -13.46
N THR A 135 -17.94 9.50 -13.52
CA THR A 135 -18.22 10.89 -13.90
C THR A 135 -17.84 11.24 -15.33
N ILE A 136 -17.03 10.41 -15.99
CA ILE A 136 -16.59 10.76 -17.34
C ILE A 136 -17.13 9.73 -18.31
N VAL A 137 -16.82 8.45 -18.08
CA VAL A 137 -17.22 7.41 -19.02
C VAL A 137 -18.73 7.37 -19.14
N ALA A 138 -19.42 7.27 -17.99
CA ALA A 138 -20.87 7.04 -18.03
C ALA A 138 -21.63 8.12 -18.80
N PRO A 139 -21.43 9.43 -18.54
CA PRO A 139 -22.19 10.40 -19.34
C PRO A 139 -21.81 10.39 -20.81
N LEU A 140 -20.57 10.03 -21.15
CA LEU A 140 -20.28 9.86 -22.58
C LEU A 140 -21.04 8.65 -23.13
N ALA A 141 -21.19 7.60 -22.32
CA ALA A 141 -21.74 6.35 -22.81
C ALA A 141 -23.23 6.50 -23.15
N ALA A 142 -23.91 7.47 -22.54
CA ALA A 142 -25.27 7.81 -22.94
C ALA A 142 -25.35 8.30 -24.37
N HIS A 143 -24.24 8.63 -25.01
CA HIS A 143 -24.29 9.24 -26.34
C HIS A 143 -23.63 8.37 -27.40
N VAL A 144 -23.40 7.09 -27.12
CA VAL A 144 -22.83 6.18 -28.08
C VAL A 144 -23.67 4.92 -28.15
N THR A 145 -23.71 4.29 -29.31
CA THR A 145 -24.48 3.07 -29.46
C THR A 145 -23.79 1.89 -28.79
N GLU A 146 -24.59 0.84 -28.55
CA GLU A 146 -24.11 -0.35 -27.86
C GLU A 146 -22.93 -0.96 -28.59
N ALA A 147 -22.97 -0.93 -29.92
CA ALA A 147 -21.87 -1.45 -30.73
C ALA A 147 -20.60 -0.63 -30.52
N ASP A 148 -20.73 0.69 -30.43
CA ASP A 148 -19.60 1.56 -30.15
C ASP A 148 -19.05 1.32 -28.75
N ARG A 149 -19.94 1.08 -27.77
CA ARG A 149 -19.47 0.74 -26.43
C ARG A 149 -18.61 -0.52 -26.46
N ARG A 150 -19.12 -1.59 -27.08
CA ARG A 150 -18.36 -2.82 -27.16
C ARG A 150 -17.02 -2.60 -27.84
N ALA A 151 -17.03 -1.82 -28.93
CA ALA A 151 -15.80 -1.61 -29.69
C ALA A 151 -14.76 -0.90 -28.85
N ALA A 152 -15.19 0.04 -27.99
CA ALA A 152 -14.25 0.81 -27.21
C ALA A 152 -13.53 -0.05 -26.19
N GLU A 153 -14.20 -1.08 -25.67
CA GLU A 153 -13.57 -2.01 -24.73
C GLU A 153 -12.49 -2.87 -25.39
N GLU A 154 -12.39 -2.86 -26.72
CA GLU A 154 -11.28 -3.50 -27.43
C GLU A 154 -10.11 -2.54 -27.45
N LEU A 155 -9.22 -2.69 -26.48
CA LEU A 155 -8.11 -1.76 -26.34
C LEU A 155 -7.16 -1.86 -27.53
N PRO A 156 -6.80 -0.74 -28.14
CA PRO A 156 -5.77 -0.78 -29.20
C PRO A 156 -4.44 -1.31 -28.68
N ALA A 157 -3.58 -1.67 -29.62
CA ALA A 157 -2.35 -2.39 -29.28
C ALA A 157 -1.43 -1.59 -28.36
N PRO A 158 -1.16 -0.30 -28.59
CA PRO A 158 -0.22 0.40 -27.70
C PRO A 158 -0.75 0.50 -26.28
N VAL A 159 -2.07 0.45 -26.09
CA VAL A 159 -2.61 0.46 -24.74
C VAL A 159 -2.40 -0.89 -24.09
N ARG A 160 -2.57 -1.97 -24.86
CA ARG A 160 -2.36 -3.31 -24.32
C ARG A 160 -0.90 -3.53 -23.95
N GLU A 161 0.03 -3.09 -24.79
CA GLU A 161 1.44 -3.24 -24.44
C GLU A 161 1.79 -2.48 -23.17
N LEU A 162 1.15 -1.32 -22.94
CA LEU A 162 1.42 -0.57 -21.72
C LEU A 162 0.88 -1.31 -20.51
N LEU A 163 -0.36 -1.77 -20.58
CA LEU A 163 -0.92 -2.58 -19.51
C LEU A 163 -0.05 -3.80 -19.24
N ALA A 164 0.45 -4.45 -20.30
CA ALA A 164 1.25 -5.64 -20.07
C ALA A 164 2.57 -5.28 -19.39
N ALA A 165 3.17 -4.15 -19.76
CA ALA A 165 4.38 -3.74 -19.05
C ALA A 165 4.06 -3.34 -17.62
N MET A 166 2.87 -2.78 -17.38
CA MET A 166 2.48 -2.52 -16.00
C MET A 166 2.45 -3.82 -15.21
N ASP A 167 1.84 -4.87 -15.78
CA ASP A 167 1.81 -6.18 -15.14
C ASP A 167 3.21 -6.69 -14.83
N ARG A 168 4.18 -6.49 -15.73
CA ARG A 168 5.54 -6.93 -15.43
C ARG A 168 6.13 -6.12 -14.27
N LEU A 169 5.90 -4.80 -14.25
CA LEU A 169 6.46 -4.00 -13.18
C LEU A 169 5.82 -4.32 -11.83
N ALA A 170 4.66 -4.98 -11.84
CA ALA A 170 3.97 -5.30 -10.60
C ALA A 170 4.76 -6.25 -9.71
N ALA A 171 5.68 -7.01 -10.28
CA ALA A 171 6.50 -7.95 -9.52
C ALA A 171 7.88 -7.40 -9.21
N GLU A 172 8.24 -6.25 -9.76
CA GLU A 172 9.60 -5.76 -9.61
C GLU A 172 9.72 -4.92 -8.34
N PRO A 173 10.73 -5.17 -7.52
CA PRO A 173 10.99 -4.28 -6.37
C PRO A 173 11.16 -2.81 -6.76
N LEU A 174 11.65 -2.54 -7.96
CA LEU A 174 11.78 -1.18 -8.47
C LEU A 174 10.52 -0.68 -9.18
N GLY A 175 9.47 -1.50 -9.26
CA GLY A 175 8.38 -1.20 -10.17
C GLY A 175 7.62 0.05 -9.78
N SER A 176 7.29 0.18 -8.49
CA SER A 176 6.54 1.34 -8.05
C SER A 176 7.35 2.62 -8.24
N ALA A 177 8.67 2.56 -8.00
CA ALA A 177 9.54 3.70 -8.27
C ALA A 177 9.55 4.06 -9.75
N VAL A 178 9.55 3.04 -10.62
CA VAL A 178 9.58 3.30 -12.05
C VAL A 178 8.29 3.94 -12.50
N GLN A 179 7.14 3.36 -12.11
CA GLN A 179 5.86 3.88 -12.59
C GLN A 179 5.59 5.29 -12.08
N LEU A 180 5.83 5.54 -10.78
CA LEU A 180 5.60 6.88 -10.26
C LEU A 180 6.54 7.90 -10.88
N ARG A 181 7.79 7.51 -11.17
CA ARG A 181 8.72 8.45 -11.77
C ARG A 181 8.20 8.94 -13.12
N VAL A 182 7.68 8.04 -13.93
CA VAL A 182 7.22 8.46 -15.24
C VAL A 182 5.87 9.16 -15.13
N VAL A 183 4.92 8.56 -14.41
CA VAL A 183 3.57 9.09 -14.39
C VAL A 183 3.50 10.45 -13.70
N GLU A 184 4.27 10.64 -12.63
CA GLU A 184 4.22 11.93 -11.97
C GLU A 184 4.85 13.03 -12.83
N THR A 185 5.59 12.68 -13.86
CA THR A 185 6.10 13.68 -14.78
C THR A 185 5.05 14.11 -15.81
N ILE A 186 4.10 13.26 -16.16
CA ILE A 186 3.17 13.57 -17.24
C ILE A 186 1.75 13.79 -16.78
N ALA A 187 1.46 13.57 -15.50
CA ALA A 187 0.08 13.62 -15.01
C ALA A 187 -0.57 14.97 -15.22
N LEU A 188 0.17 16.06 -15.00
CA LEU A 188 -0.42 17.39 -15.18
C LEU A 188 -0.91 17.59 -16.61
N ASP A 189 -0.04 17.33 -17.59
CA ASP A 189 -0.37 17.54 -19.00
C ASP A 189 -1.51 16.62 -19.45
N ILE A 190 -1.55 15.40 -18.92
CA ILE A 190 -2.65 14.49 -19.23
C ILE A 190 -3.97 15.06 -18.73
N ALA A 191 -4.00 15.41 -17.43
CA ALA A 191 -5.17 16.03 -16.83
C ALA A 191 -5.57 17.29 -17.59
N VAL A 192 -4.61 18.16 -17.89
CA VAL A 192 -4.96 19.35 -18.68
C VAL A 192 -5.56 18.95 -20.02
N GLY A 193 -4.97 17.93 -20.67
CA GLY A 193 -5.49 17.48 -21.94
C GLY A 193 -6.92 16.97 -21.83
N PHE A 194 -7.20 16.12 -20.82
CA PHE A 194 -8.58 15.67 -20.63
C PHE A 194 -9.53 16.83 -20.44
N ARG A 195 -9.11 17.86 -19.69
CA ARG A 195 -9.96 19.04 -19.49
C ARG A 195 -10.30 19.68 -20.84
N ARG A 196 -9.32 19.83 -21.72
CA ARG A 196 -9.57 20.41 -23.01
C ARG A 196 -10.43 19.50 -23.87
N VAL A 197 -10.09 18.21 -23.89
CA VAL A 197 -10.83 17.27 -24.72
C VAL A 197 -12.31 17.23 -24.31
N TYR A 198 -12.58 16.99 -23.01
CA TYR A 198 -13.98 16.84 -22.65
C TYR A 198 -14.71 18.18 -22.64
N GLY A 199 -13.98 19.29 -22.54
CA GLY A 199 -14.62 20.57 -22.76
C GLY A 199 -15.16 20.76 -24.17
N LYS A 200 -14.76 19.90 -25.11
CA LYS A 200 -15.08 20.07 -26.52
C LYS A 200 -16.04 19.02 -27.06
N VAL A 201 -16.53 18.11 -26.22
CA VAL A 201 -17.45 17.07 -26.67
C VAL A 201 -18.87 17.64 -26.71
N LEU A 202 -19.45 17.66 -27.90
CA LEU A 202 -20.80 18.17 -28.13
C LEU A 202 -21.72 17.02 -28.54
N ALA A 203 -22.97 17.07 -28.09
CA ALA A 203 -23.91 15.99 -28.40
C ALA A 203 -24.96 16.53 -29.36
N GLY A 204 -26.04 17.14 -28.87
CA GLY A 204 -27.00 17.75 -29.78
C GLY A 204 -26.32 18.91 -30.45
N GLY A 205 -26.56 20.10 -29.93
CA GLY A 205 -25.57 21.14 -30.04
C GLY A 205 -24.93 21.42 -28.72
N GLU A 206 -25.33 20.70 -27.68
CA GLU A 206 -25.16 20.83 -26.24
C GLU A 206 -23.87 20.16 -25.76
N PRO A 207 -23.14 20.84 -24.89
CA PRO A 207 -21.96 20.22 -24.27
C PRO A 207 -22.40 19.03 -23.43
N VAL A 208 -21.71 17.92 -23.59
CA VAL A 208 -21.99 16.78 -22.73
C VAL A 208 -21.58 17.07 -21.30
N PHE A 209 -20.57 17.93 -21.11
CA PHE A 209 -20.11 18.33 -19.80
C PHE A 209 -20.39 19.82 -19.63
N GLY A 210 -21.65 20.16 -19.34
CA GLY A 210 -22.10 21.52 -19.27
C GLY A 210 -22.14 22.16 -17.91
N GLU A 211 -21.71 21.46 -16.86
CA GLU A 211 -21.66 21.97 -15.50
C GLU A 211 -20.25 21.84 -14.94
N LYS A 212 -19.79 22.88 -14.24
CA LYS A 212 -18.46 22.85 -13.62
C LYS A 212 -18.21 21.55 -12.87
N ASP A 213 -19.16 21.12 -12.04
CA ASP A 213 -18.91 19.98 -11.15
C ASP A 213 -18.73 18.66 -11.90
N GLN A 214 -19.12 18.60 -13.16
CA GLN A 214 -18.86 17.41 -13.96
C GLN A 214 -17.37 17.20 -14.22
N PHE A 215 -16.56 18.24 -14.10
CA PHE A 215 -15.12 18.13 -14.33
C PHE A 215 -14.32 17.87 -13.06
N ALA A 216 -14.98 17.47 -11.97
CA ALA A 216 -14.35 17.51 -10.65
C ALA A 216 -13.17 16.57 -10.55
N TRP A 217 -13.22 15.43 -11.25
CA TRP A 217 -12.11 14.49 -11.27
C TRP A 217 -10.88 15.12 -11.92
N ILE A 218 -11.09 15.81 -13.04
CA ILE A 218 -9.98 16.37 -13.81
C ILE A 218 -9.41 17.59 -13.10
N ASP A 219 -10.29 18.51 -12.69
CA ASP A 219 -9.87 19.72 -11.98
C ASP A 219 -9.16 19.38 -10.67
N ALA A 220 -9.63 18.36 -9.96
CA ALA A 220 -8.90 17.93 -8.76
C ALA A 220 -7.49 17.51 -9.11
N HIS A 221 -7.35 16.70 -10.18
CA HIS A 221 -6.03 16.27 -10.59
C HIS A 221 -5.18 17.46 -11.02
N ILE A 222 -5.76 18.37 -11.79
CA ILE A 222 -5.00 19.56 -12.20
C ILE A 222 -4.53 20.33 -10.97
N LYS A 223 -5.40 20.48 -9.97
CA LYS A 223 -5.02 21.21 -8.77
C LYS A 223 -3.93 20.47 -7.98
N ALA A 224 -4.07 19.16 -7.80
CA ALA A 224 -3.04 18.38 -7.10
C ALA A 224 -1.69 18.48 -7.80
N GLU A 225 -1.67 18.40 -9.13
CA GLU A 225 -0.40 18.42 -9.82
C GLU A 225 0.19 19.83 -9.88
N THR A 226 -0.65 20.85 -9.92
CA THR A 226 -0.20 22.24 -9.91
C THR A 226 0.35 22.62 -8.55
N VAL A 227 -0.55 22.65 -7.56
CA VAL A 227 -0.31 23.11 -6.19
C VAL A 227 1.01 22.58 -5.65
N HIS A 228 1.35 21.34 -5.96
CA HIS A 228 2.57 20.74 -5.42
C HIS A 228 3.78 21.42 -6.04
N ALA A 229 4.37 22.35 -5.27
CA ALA A 229 5.53 23.16 -5.68
C ALA A 229 5.21 24.03 -6.89
N GLY A 238 13.57 11.80 -3.80
CA GLY A 238 12.61 11.36 -4.80
C GLY A 238 12.59 9.84 -4.96
N MET A 239 12.17 9.35 -6.15
CA MET A 239 11.98 7.92 -6.37
C MET A 239 13.31 7.18 -6.52
N THR A 240 14.35 7.86 -7.00
CA THR A 240 15.69 7.26 -7.02
C THR A 240 16.17 6.91 -5.65
N GLY A 241 15.52 7.44 -4.60
CA GLY A 241 15.82 7.07 -3.25
C GLY A 241 15.68 5.60 -2.97
N LEU A 242 14.90 4.88 -3.77
CA LEU A 242 14.74 3.45 -3.56
C LEU A 242 15.83 2.60 -4.23
N VAL A 243 16.77 3.23 -4.91
CA VAL A 243 17.86 2.51 -5.57
C VAL A 243 19.02 2.33 -4.59
N THR A 244 19.47 1.09 -4.42
CA THR A 244 20.42 0.76 -3.37
C THR A 244 21.80 0.36 -3.86
N ASP A 245 22.00 0.14 -5.16
CA ASP A 245 23.35 -0.03 -5.69
C ASP A 245 23.39 0.35 -7.16
N ALA A 246 24.59 0.27 -7.74
CA ALA A 246 24.79 0.65 -9.13
C ALA A 246 23.99 -0.25 -10.07
N GLU A 247 23.91 -1.53 -9.75
CA GLU A 247 23.23 -2.48 -10.63
C GLU A 247 21.72 -2.21 -10.69
N ARG A 248 21.11 -1.98 -9.52
CA ARG A 248 19.73 -1.55 -9.49
C ARG A 248 19.54 -0.22 -10.21
N GLY A 249 20.56 0.65 -10.15
CA GLY A 249 20.45 1.92 -10.84
C GLY A 249 20.36 1.75 -12.34
N GLU A 250 21.18 0.85 -12.88
CA GLU A 250 21.12 0.55 -14.31
C GLU A 250 19.77 -0.04 -14.70
N GLU A 251 19.26 -0.95 -13.89
CA GLU A 251 17.96 -1.56 -14.16
C GLU A 251 16.87 -0.50 -14.17
N PHE A 252 16.89 0.39 -13.18
CA PHE A 252 15.97 1.50 -13.06
C PHE A 252 15.87 2.31 -14.34
N VAL A 253 17.02 2.81 -14.81
CA VAL A 253 17.10 3.56 -16.05
C VAL A 253 16.56 2.73 -17.21
N ARG A 254 16.98 1.47 -17.28
CA ARG A 254 16.49 0.62 -18.37
C ARG A 254 14.97 0.45 -18.32
N LEU A 255 14.40 0.25 -17.13
CA LEU A 255 12.95 0.09 -17.07
C LEU A 255 12.20 1.42 -17.29
N VAL A 256 12.78 2.54 -16.84
CA VAL A 256 12.17 3.83 -17.14
C VAL A 256 12.09 4.04 -18.64
N GLU A 257 13.14 3.64 -19.37
CA GLU A 257 13.16 3.83 -20.81
C GLU A 257 12.07 3.00 -21.47
N GLU A 258 11.93 1.74 -21.08
CA GLU A 258 10.87 0.91 -21.62
C GLU A 258 9.51 1.51 -21.32
N TYR A 259 9.25 1.78 -20.04
CA TYR A 259 7.95 2.23 -19.57
C TYR A 259 7.61 3.62 -20.10
N ALA A 260 8.60 4.53 -20.19
CA ALA A 260 8.32 5.84 -20.76
C ALA A 260 7.93 5.74 -22.22
N GLY A 261 8.63 4.92 -23.00
CA GLY A 261 8.27 4.77 -24.41
C GLY A 261 6.88 4.19 -24.57
N LEU A 262 6.48 3.30 -23.67
CA LEU A 262 5.16 2.68 -23.83
C LEU A 262 4.05 3.65 -23.44
N TRP A 263 4.31 4.55 -22.48
CA TRP A 263 3.35 5.60 -22.20
C TRP A 263 3.22 6.54 -23.39
N SER A 264 4.35 6.90 -23.99
CA SER A 264 4.33 7.81 -25.11
C SER A 264 3.49 7.27 -26.26
N ALA A 265 3.70 6.00 -26.63
CA ALA A 265 2.93 5.38 -27.72
C ALA A 265 1.45 5.26 -27.37
N ALA A 266 1.15 4.96 -26.12
CA ALA A 266 -0.26 4.92 -25.72
C ALA A 266 -0.90 6.30 -25.78
N LEU A 267 -0.17 7.35 -25.39
CA LEU A 267 -0.76 8.68 -25.53
C LEU A 267 -0.88 9.09 -27.00
N GLU A 268 0.11 8.75 -27.84
CA GLU A 268 -0.02 8.99 -29.28
C GLU A 268 -1.28 8.31 -29.82
N CYS A 269 -1.70 7.24 -29.17
CA CYS A 269 -2.88 6.55 -29.61
C CYS A 269 -4.13 7.37 -29.29
N PHE A 270 -4.16 8.04 -28.13
CA PHE A 270 -5.20 9.03 -27.84
C PHE A 270 -5.24 10.12 -28.89
N GLY A 271 -4.07 10.65 -29.23
CA GLY A 271 -4.02 11.76 -30.17
C GLY A 271 -4.51 11.36 -31.55
N ASP A 272 -4.21 10.15 -31.98
CA ASP A 272 -4.67 9.67 -33.29
C ASP A 272 -6.19 9.53 -33.31
N ARG A 273 -6.77 8.97 -32.24
CA ARG A 273 -8.23 8.83 -32.18
C ARG A 273 -8.93 10.18 -32.26
N LEU A 274 -8.34 11.24 -31.72
CA LEU A 274 -9.01 12.53 -31.77
C LEU A 274 -8.80 13.25 -33.09
N THR A 275 -7.97 12.71 -33.99
CA THR A 275 -7.79 13.28 -35.31
C THR A 275 -8.11 12.26 -36.40
N GLY A 276 -9.03 11.34 -36.12
CA GLY A 276 -9.46 10.39 -37.13
C GLY A 276 -10.13 11.07 -38.29
N ALA A 277 -10.11 10.39 -39.44
CA ALA A 277 -10.77 10.89 -40.65
C ALA A 277 -12.19 10.32 -40.77
N PRO B 9 -15.73 -10.47 -13.17
CA PRO B 9 -16.60 -9.79 -12.19
C PRO B 9 -16.57 -10.43 -10.80
N LEU B 10 -15.47 -10.19 -10.06
CA LEU B 10 -15.31 -10.77 -8.73
C LEU B 10 -16.25 -10.09 -7.75
N SER B 11 -16.83 -10.90 -6.87
CA SER B 11 -17.75 -10.45 -5.83
C SER B 11 -17.31 -11.10 -4.53
N PRO B 12 -17.64 -10.51 -3.39
CA PRO B 12 -17.47 -11.24 -2.13
C PRO B 12 -18.54 -12.32 -2.00
N LEU B 13 -18.32 -13.24 -1.06
CA LEU B 13 -19.35 -14.26 -0.79
C LEU B 13 -20.60 -13.58 -0.24
N PRO B 14 -21.76 -14.23 -0.36
CA PRO B 14 -22.99 -13.66 0.20
C PRO B 14 -22.91 -13.52 1.72
N ALA B 15 -23.80 -12.68 2.26
CA ALA B 15 -23.67 -12.22 3.63
C ALA B 15 -23.66 -13.38 4.63
N VAL B 16 -24.61 -14.30 4.52
CA VAL B 16 -24.73 -15.34 5.53
C VAL B 16 -23.55 -16.30 5.46
N ALA B 17 -23.06 -16.58 4.24
CA ALA B 17 -21.87 -17.41 4.11
C ALA B 17 -20.63 -16.71 4.64
N ARG B 18 -20.62 -15.38 4.68
CA ARG B 18 -19.50 -14.67 5.26
C ARG B 18 -19.57 -14.64 6.78
N ALA B 19 -20.78 -14.51 7.34
CA ALA B 19 -20.92 -14.57 8.79
C ALA B 19 -20.57 -15.94 9.31
N GLU B 20 -20.87 -17.00 8.54
CA GLU B 20 -20.44 -18.34 8.94
C GLU B 20 -18.91 -18.45 8.93
N LEU B 21 -18.26 -17.74 8.01
CA LEU B 21 -16.80 -17.72 8.02
C LEU B 21 -16.25 -16.96 9.22
N ASP B 22 -16.98 -15.97 9.73
CA ASP B 22 -16.50 -15.21 10.88
C ASP B 22 -16.53 -16.04 12.15
N ALA B 23 -17.54 -16.90 12.31
CA ALA B 23 -17.61 -17.77 13.48
C ALA B 23 -16.51 -18.84 13.44
N ARG B 24 -16.28 -19.44 12.27
CA ARG B 24 -15.25 -20.47 12.18
C ARG B 24 -13.88 -19.91 12.54
N THR B 25 -13.57 -18.69 12.11
CA THR B 25 -12.27 -18.09 12.46
C THR B 25 -12.24 -17.60 13.91
N GLU B 26 -13.37 -17.12 14.44
CA GLU B 26 -13.39 -16.82 15.86
C GLU B 26 -13.21 -18.11 16.66
N ARG B 27 -13.80 -19.21 16.20
CA ARG B 27 -13.57 -20.50 16.83
C ARG B 27 -12.17 -21.04 16.58
N GLU B 28 -11.45 -20.50 15.60
CA GLU B 28 -10.07 -20.91 15.41
C GLU B 28 -9.11 -20.12 16.26
N ILE B 29 -9.45 -18.86 16.58
CA ILE B 29 -8.65 -18.10 17.51
C ILE B 29 -8.84 -18.64 18.93
N ASP B 30 -10.07 -19.07 19.26
CA ASP B 30 -10.29 -19.77 20.52
C ASP B 30 -9.40 -20.99 20.62
N ARG B 31 -9.55 -21.92 19.66
CA ARG B 31 -8.85 -23.20 19.70
C ARG B 31 -7.33 -23.05 19.72
N ALA B 32 -6.80 -21.86 19.44
CA ALA B 32 -5.36 -21.62 19.41
C ALA B 32 -4.85 -20.94 20.67
N ARG B 33 -5.74 -20.61 21.62
CA ARG B 33 -5.37 -20.09 22.93
C ARG B 33 -4.92 -18.65 22.87
N LEU B 34 -5.53 -17.84 22.02
CA LEU B 34 -5.06 -16.47 21.82
C LEU B 34 -5.88 -15.43 22.58
N ARG B 35 -6.83 -15.86 23.41
CA ARG B 35 -7.60 -14.90 24.21
C ARG B 35 -6.84 -14.54 25.49
N ARG B 36 -7.20 -13.37 26.05
CA ARG B 36 -6.59 -12.85 27.27
C ARG B 36 -6.42 -13.91 28.35
N ALA B 37 -7.43 -14.76 28.51
CA ALA B 37 -7.41 -15.72 29.61
C ALA B 37 -6.38 -16.82 29.37
N ASP B 38 -6.26 -17.29 28.13
CA ASP B 38 -5.73 -18.63 27.89
C ASP B 38 -4.27 -18.67 27.44
N ASN B 39 -3.66 -17.54 27.10
CA ASN B 39 -2.30 -17.53 26.60
C ASN B 39 -1.34 -17.10 27.70
N GLY B 40 -0.30 -17.91 27.93
CA GLY B 40 0.64 -17.68 29.00
C GLY B 40 1.30 -16.32 29.00
N PHE B 41 1.44 -15.68 27.83
CA PHE B 41 2.03 -14.35 27.82
C PHE B 41 1.17 -13.35 28.59
N PHE B 42 -0.14 -13.40 28.41
CA PHE B 42 -1.00 -12.39 29.01
C PHE B 42 -1.02 -12.53 30.53
N ARG B 43 -1.14 -13.77 31.02
CA ARG B 43 -1.11 -13.98 32.47
C ARG B 43 0.23 -13.58 33.05
N SER B 44 1.33 -14.03 32.42
CA SER B 44 2.67 -13.75 32.91
C SER B 44 2.91 -12.25 33.00
N ALA B 45 2.41 -11.50 32.02
CA ALA B 45 2.57 -10.05 32.06
C ALA B 45 1.78 -9.41 33.20
N ARG B 46 0.80 -10.12 33.75
CA ARG B 46 0.10 -9.64 34.92
C ARG B 46 0.76 -10.14 36.21
N ASP B 47 1.08 -11.44 36.26
CA ASP B 47 1.41 -12.10 37.51
C ASP B 47 2.85 -11.88 37.95
N VAL B 48 3.79 -11.88 37.00
CA VAL B 48 5.19 -11.71 37.33
C VAL B 48 5.40 -10.44 38.15
N GLU B 49 6.30 -10.53 39.14
CA GLU B 49 6.55 -9.40 40.04
C GLU B 49 7.46 -8.36 39.41
N SER B 50 8.61 -8.79 38.88
CA SER B 50 9.49 -7.89 38.14
C SER B 50 10.27 -8.68 37.09
N VAL B 51 10.92 -7.94 36.20
CA VAL B 51 11.54 -8.50 35.00
C VAL B 51 12.93 -7.91 34.85
N SER B 52 13.90 -8.76 34.57
CA SER B 52 15.27 -8.26 34.46
C SER B 52 15.49 -7.56 33.11
N PRO B 53 16.39 -6.58 33.07
CA PRO B 53 16.62 -5.86 31.80
C PRO B 53 17.05 -6.77 30.66
N ALA B 54 17.76 -7.86 30.92
CA ALA B 54 18.09 -8.79 29.86
C ALA B 54 16.84 -9.47 29.29
N ASP B 55 15.94 -9.92 30.17
CA ASP B 55 14.72 -10.58 29.73
C ASP B 55 13.84 -9.62 28.94
N GLY B 56 13.65 -8.41 29.47
CA GLY B 56 12.83 -7.43 28.78
C GLY B 56 13.43 -6.96 27.48
N HIS B 57 14.77 -6.87 27.42
CA HIS B 57 15.41 -6.52 26.17
C HIS B 57 15.18 -7.60 25.13
N ALA B 58 15.29 -8.87 25.52
CA ALA B 58 15.16 -9.94 24.55
C ALA B 58 13.75 -9.99 23.98
N VAL B 59 12.75 -9.84 24.84
CA VAL B 59 11.39 -9.79 24.34
C VAL B 59 11.20 -8.57 23.45
N ALA B 60 11.84 -7.45 23.79
CA ALA B 60 11.64 -6.26 22.97
C ALA B 60 12.30 -6.43 21.61
N VAL B 61 13.42 -7.15 21.54
CA VAL B 61 14.07 -7.37 20.25
C VAL B 61 13.24 -8.33 19.41
N TRP B 62 12.70 -9.38 20.03
CA TRP B 62 11.82 -10.30 19.29
C TRP B 62 10.60 -9.58 18.77
N TRP B 63 9.95 -8.76 19.60
CA TRP B 63 8.78 -8.03 19.15
C TRP B 63 9.12 -7.09 17.99
N ARG B 64 10.29 -6.44 18.05
CA ARG B 64 10.70 -5.58 16.96
C ARG B 64 10.77 -6.35 15.65
N GLN B 65 11.41 -7.52 15.68
CA GLN B 65 11.52 -8.33 14.48
C GLN B 65 10.15 -8.81 14.01
N MET B 66 9.28 -9.23 14.94
CA MET B 66 7.99 -9.77 14.55
C MET B 66 7.09 -8.69 13.97
N THR B 67 7.07 -7.51 14.57
CA THR B 67 6.16 -6.48 14.10
C THR B 67 6.66 -5.84 12.80
N LYS B 68 7.99 -5.82 12.63
CA LYS B 68 8.57 -5.46 11.33
C LYS B 68 8.09 -6.43 10.25
N ALA B 69 8.17 -7.73 10.54
CA ALA B 69 7.80 -8.71 9.53
C ALA B 69 6.32 -8.62 9.22
N PHE B 70 5.50 -8.47 10.26
CA PHE B 70 4.05 -8.33 10.08
C PHE B 70 3.75 -7.14 9.17
N MET B 71 4.37 -6.00 9.44
CA MET B 71 4.07 -4.83 8.63
C MET B 71 4.48 -5.07 7.18
N PHE B 72 5.72 -5.48 6.95
CA PHE B 72 6.13 -5.63 5.56
C PHE B 72 5.42 -6.78 4.86
N THR B 73 5.13 -7.88 5.56
CA THR B 73 4.50 -9.01 4.85
C THR B 73 3.00 -8.82 4.63
N THR B 74 2.31 -8.09 5.52
CA THR B 74 0.93 -7.74 5.23
C THR B 74 0.87 -6.82 4.01
N LEU B 75 1.80 -5.86 3.91
CA LEU B 75 1.82 -4.99 2.76
C LEU B 75 2.13 -5.79 1.50
N ALA B 76 3.08 -6.71 1.56
CA ALA B 76 3.31 -7.59 0.42
C ALA B 76 2.06 -8.40 0.10
N GLY B 77 1.33 -8.84 1.13
CA GLY B 77 0.06 -9.51 0.90
C GLY B 77 -0.91 -8.65 0.14
N LEU B 78 -1.06 -7.39 0.58
CA LEU B 78 -1.91 -6.45 -0.15
C LEU B 78 -1.46 -6.32 -1.61
N GLY B 79 -0.13 -6.24 -1.82
CA GLY B 79 0.38 -6.16 -3.19
C GLY B 79 0.01 -7.38 -4.01
N ALA B 80 0.12 -8.58 -3.43
CA ALA B 80 -0.25 -9.81 -4.15
C ALA B 80 -1.71 -9.78 -4.57
N LEU B 81 -2.57 -9.25 -3.70
CA LEU B 81 -3.98 -9.09 -4.07
C LEU B 81 -4.17 -7.98 -5.11
N ALA B 82 -3.34 -6.92 -5.06
CA ALA B 82 -3.43 -5.87 -6.07
C ALA B 82 -3.10 -6.42 -7.44
N ARG B 83 -2.09 -7.27 -7.53
CA ARG B 83 -1.78 -8.01 -8.76
C ARG B 83 -3.02 -8.67 -9.37
N ASP B 84 -3.85 -9.30 -8.53
CA ASP B 84 -5.04 -9.98 -9.05
C ASP B 84 -6.07 -8.98 -9.55
N TYR B 85 -6.36 -7.95 -8.76
CA TYR B 85 -7.39 -7.00 -9.13
C TYR B 85 -6.99 -6.19 -10.35
N ALA B 86 -5.69 -6.06 -10.63
CA ALA B 86 -5.27 -5.40 -11.86
C ALA B 86 -5.79 -6.10 -13.10
N ARG B 87 -6.01 -7.42 -13.01
CA ARG B 87 -6.43 -8.17 -14.19
C ARG B 87 -7.88 -8.60 -14.16
N ARG B 88 -8.60 -8.40 -13.07
CA ARG B 88 -10.01 -8.73 -12.98
C ARG B 88 -10.81 -7.48 -12.64
N ASP B 89 -12.13 -7.59 -12.70
CA ASP B 89 -13.00 -6.48 -12.35
C ASP B 89 -13.60 -6.80 -10.98
N ALA B 90 -13.01 -6.22 -9.94
CA ALA B 90 -13.58 -6.37 -8.61
C ALA B 90 -14.77 -5.44 -8.44
N ASP B 91 -15.80 -5.92 -7.74
CA ASP B 91 -16.94 -5.05 -7.55
C ASP B 91 -16.69 -4.11 -6.38
N ARG B 92 -17.61 -3.18 -6.19
CA ARG B 92 -17.30 -2.09 -5.29
C ARG B 92 -17.15 -2.57 -3.85
N GLU B 93 -17.93 -3.58 -3.45
CA GLU B 93 -17.82 -4.09 -2.08
C GLU B 93 -16.45 -4.72 -1.82
N LEU B 94 -15.87 -5.39 -2.83
CA LEU B 94 -14.51 -5.90 -2.71
C LEU B 94 -13.51 -4.75 -2.60
N LEU B 95 -13.66 -3.75 -3.46
CA LEU B 95 -12.75 -2.61 -3.42
C LEU B 95 -12.84 -1.92 -2.06
N GLY B 96 -14.04 -1.87 -1.47
CA GLY B 96 -14.17 -1.28 -0.14
C GLY B 96 -13.35 -2.02 0.91
N ALA B 97 -13.39 -3.36 0.89
CA ALA B 97 -12.57 -4.15 1.81
C ALA B 97 -11.09 -3.98 1.50
N PHE B 98 -10.75 -3.80 0.23
CA PHE B 98 -9.37 -3.56 -0.16
C PHE B 98 -8.85 -2.25 0.41
N GLN B 99 -9.62 -1.17 0.31
CA GLN B 99 -9.23 0.08 0.93
C GLN B 99 -8.99 -0.10 2.41
N THR B 100 -9.84 -0.90 3.07
CA THR B 100 -9.70 -1.08 4.52
C THR B 100 -8.33 -1.65 4.89
N VAL B 101 -7.83 -2.62 4.12
CA VAL B 101 -6.50 -3.15 4.34
C VAL B 101 -5.45 -2.04 4.18
N TYR B 102 -5.58 -1.25 3.12
CA TYR B 102 -4.64 -0.18 2.87
C TYR B 102 -4.65 0.82 4.02
N GLN B 103 -5.82 1.14 4.55
CA GLN B 103 -5.90 2.10 5.66
C GLN B 103 -5.27 1.54 6.93
N VAL B 104 -5.52 0.26 7.22
CA VAL B 104 -5.06 -0.32 8.49
C VAL B 104 -3.54 -0.44 8.51
N ILE B 105 -2.96 -0.94 7.41
CA ILE B 105 -1.51 -0.97 7.24
C ILE B 105 -0.92 0.43 7.42
N GLY B 106 -1.62 1.44 6.90
CA GLY B 106 -1.14 2.81 6.99
C GLY B 106 -0.94 3.31 8.40
N ASP B 107 -1.57 2.68 9.39
CA ASP B 107 -1.26 3.05 10.77
C ASP B 107 0.18 2.68 11.11
N ASP B 108 0.53 1.40 10.97
CA ASP B 108 1.88 0.97 11.30
C ASP B 108 2.92 1.60 10.38
N LEU B 109 2.56 1.89 9.15
CA LEU B 109 3.56 2.42 8.23
C LEU B 109 3.63 3.94 8.24
N ASP B 110 2.50 4.62 8.44
CA ASP B 110 2.44 6.07 8.31
C ASP B 110 1.74 6.79 9.47
N ASN B 111 1.15 6.06 10.41
CA ASN B 111 0.42 6.69 11.51
C ASN B 111 -0.70 7.58 10.97
N ALA B 112 -1.64 6.92 10.28
CA ALA B 112 -2.79 7.63 9.72
C ALA B 112 -3.81 7.95 10.81
N ALA B 113 -4.18 6.95 11.61
CA ALA B 113 -5.19 7.12 12.64
C ALA B 113 -4.81 8.28 13.57
N PRO B 114 -5.79 9.04 14.08
CA PRO B 114 -5.46 10.22 14.89
C PRO B 114 -4.75 9.89 16.21
N GLU B 115 -5.01 8.71 16.77
CA GLU B 115 -4.31 8.25 17.97
C GLU B 115 -2.80 8.26 17.78
N PHE B 116 -2.32 7.99 16.57
CA PHE B 116 -0.90 7.91 16.26
C PHE B 116 -0.35 9.19 15.69
N SER B 117 -1.08 9.87 14.80
CA SER B 117 -0.54 11.10 14.21
C SER B 117 -0.25 12.16 15.26
N ALA B 118 -0.84 12.03 16.45
CA ALA B 118 -0.57 12.94 17.54
C ALA B 118 0.83 12.67 18.09
N VAL B 119 1.01 11.49 18.68
CA VAL B 119 2.21 11.18 19.44
C VAL B 119 3.37 10.62 18.60
N ALA B 120 3.08 10.02 17.44
CA ALA B 120 4.13 9.33 16.70
C ALA B 120 5.14 10.33 16.15
N PRO B 121 6.43 9.99 16.19
CA PRO B 121 7.42 10.79 15.45
C PRO B 121 7.05 10.85 13.98
N THR B 122 7.49 11.90 13.31
CA THR B 122 7.16 12.01 11.90
C THR B 122 8.18 11.25 11.07
N GLY B 123 7.81 10.99 9.81
CA GLY B 123 8.69 10.30 8.89
C GLY B 123 8.96 8.87 9.29
N PRO B 124 10.05 8.30 8.76
CA PRO B 124 10.35 6.89 9.04
C PRO B 124 10.55 6.57 10.50
N ALA B 125 10.92 7.55 11.34
CA ALA B 125 11.07 7.27 12.75
C ALA B 125 9.76 6.87 13.42
N GLY B 126 8.62 7.14 12.78
CA GLY B 126 7.35 6.78 13.37
C GLY B 126 6.79 5.47 12.87
N ILE B 127 7.45 4.85 11.88
CA ILE B 127 7.09 3.48 11.54
C ILE B 127 7.16 2.65 12.81
N HIS B 128 6.15 1.82 13.03
CA HIS B 128 5.93 1.30 14.36
C HIS B 128 7.06 0.41 14.85
N TYR B 129 7.70 -0.38 13.98
CA TYR B 129 8.80 -1.19 14.50
C TYR B 129 10.03 -0.35 14.78
N VAL B 130 10.21 0.75 14.06
CA VAL B 130 11.29 1.70 14.33
C VAL B 130 10.99 2.49 15.60
N TRP B 131 9.76 2.99 15.73
CA TRP B 131 9.35 3.70 16.94
C TRP B 131 9.54 2.82 18.17
N TRP B 132 9.17 1.55 18.06
CA TRP B 132 9.39 0.59 19.14
C TRP B 132 10.87 0.41 19.44
N ASP B 133 11.66 0.15 18.40
CA ASP B 133 13.10 0.02 18.57
C ASP B 133 13.69 1.25 19.24
N ASP B 134 13.24 2.45 18.83
CA ASP B 134 13.86 3.69 19.31
C ASP B 134 13.50 4.00 20.76
N THR B 135 12.33 3.55 21.24
CA THR B 135 11.85 3.97 22.55
C THR B 135 11.71 2.84 23.55
N ILE B 136 11.83 1.58 23.13
CA ILE B 136 11.75 0.49 24.09
C ILE B 136 13.06 -0.29 24.05
N VAL B 137 13.45 -0.77 22.86
CA VAL B 137 14.68 -1.55 22.74
C VAL B 137 15.88 -0.73 23.18
N ALA B 138 16.03 0.48 22.64
CA ALA B 138 17.25 1.27 22.85
C ALA B 138 17.50 1.62 24.31
N PRO B 139 16.53 2.12 25.09
CA PRO B 139 16.81 2.33 26.52
C PRO B 139 17.14 1.06 27.28
N LEU B 140 16.62 -0.09 26.88
CA LEU B 140 16.96 -1.35 27.53
C LEU B 140 18.37 -1.81 27.15
N ALA B 141 18.75 -1.58 25.89
CA ALA B 141 20.07 -2.01 25.41
C ALA B 141 21.19 -1.45 26.28
N ALA B 142 21.03 -0.21 26.74
CA ALA B 142 22.05 0.43 27.57
C ALA B 142 22.30 -0.32 28.88
N HIS B 143 21.40 -1.22 29.28
CA HIS B 143 21.50 -1.95 30.53
C HIS B 143 21.93 -3.40 30.35
N VAL B 144 22.22 -3.82 29.13
CA VAL B 144 22.64 -5.20 28.90
C VAL B 144 24.00 -5.19 28.22
N THR B 145 24.64 -6.35 28.21
CA THR B 145 25.95 -6.44 27.61
C THR B 145 25.82 -6.55 26.09
N GLU B 146 26.92 -6.19 25.40
CA GLU B 146 27.00 -6.46 23.97
C GLU B 146 26.70 -7.93 23.66
N ALA B 147 27.19 -8.84 24.50
CA ALA B 147 26.96 -10.26 24.27
C ALA B 147 25.47 -10.61 24.39
N ASP B 148 24.76 -9.99 25.33
CA ASP B 148 23.32 -10.18 25.46
C ASP B 148 22.57 -9.64 24.24
N ARG B 149 23.01 -8.49 23.72
CA ARG B 149 22.38 -7.90 22.55
C ARG B 149 22.50 -8.81 21.34
N ARG B 150 23.67 -9.44 21.16
CA ARG B 150 23.83 -10.40 20.07
C ARG B 150 22.96 -11.62 20.30
N ALA B 151 22.89 -12.10 21.53
CA ALA B 151 22.09 -13.29 21.82
C ALA B 151 20.62 -13.06 21.55
N ALA B 152 20.12 -11.86 21.83
CA ALA B 152 18.70 -11.58 21.70
C ALA B 152 18.26 -11.57 20.24
N GLU B 153 19.16 -11.20 19.34
CA GLU B 153 18.84 -11.20 17.94
C GLU B 153 18.93 -12.58 17.29
N GLU B 154 19.40 -13.58 18.03
CA GLU B 154 19.27 -14.97 17.59
C GLU B 154 17.89 -15.44 18.03
N LEU B 155 16.90 -15.29 17.15
CA LEU B 155 15.51 -15.44 17.54
C LEU B 155 15.21 -16.88 17.90
N PRO B 156 14.34 -17.11 18.89
CA PRO B 156 13.98 -18.48 19.27
C PRO B 156 13.16 -19.14 18.18
N ALA B 157 13.13 -20.47 18.23
CA ALA B 157 12.52 -21.25 17.15
C ALA B 157 11.05 -20.93 16.91
N PRO B 158 10.19 -20.79 17.92
CA PRO B 158 8.78 -20.44 17.63
C PRO B 158 8.64 -19.04 17.06
N VAL B 159 9.58 -18.14 17.34
CA VAL B 159 9.56 -16.84 16.68
C VAL B 159 9.96 -16.98 15.21
N ARG B 160 11.03 -17.74 14.94
CA ARG B 160 11.43 -17.98 13.56
C ARG B 160 10.32 -18.64 12.76
N GLU B 161 9.57 -19.54 13.38
CA GLU B 161 8.52 -20.25 12.66
C GLU B 161 7.38 -19.32 12.25
N LEU B 162 7.03 -18.37 13.13
CA LEU B 162 6.01 -17.39 12.80
C LEU B 162 6.47 -16.47 11.66
N LEU B 163 7.71 -16.00 11.72
CA LEU B 163 8.27 -15.17 10.66
C LEU B 163 8.32 -15.92 9.34
N ALA B 164 8.55 -17.23 9.40
CA ALA B 164 8.58 -18.02 8.18
C ALA B 164 7.20 -18.08 7.55
N ALA B 165 6.15 -18.22 8.36
CA ALA B 165 4.80 -18.26 7.80
C ALA B 165 4.40 -16.88 7.28
N MET B 166 4.81 -15.83 7.97
CA MET B 166 4.60 -14.48 7.49
C MET B 166 5.17 -14.31 6.08
N ASP B 167 6.40 -14.79 5.84
CA ASP B 167 6.99 -14.73 4.50
C ASP B 167 6.17 -15.50 3.47
N ARG B 168 5.53 -16.59 3.87
CA ARG B 168 4.66 -17.30 2.93
C ARG B 168 3.38 -16.52 2.67
N LEU B 169 2.76 -15.98 3.71
CA LEU B 169 1.56 -15.18 3.51
C LEU B 169 1.81 -13.92 2.68
N ALA B 170 3.07 -13.46 2.59
CA ALA B 170 3.44 -12.31 1.77
C ALA B 170 3.14 -12.53 0.30
N ALA B 171 3.02 -13.78 -0.14
CA ALA B 171 2.75 -14.10 -1.55
C ALA B 171 1.33 -14.54 -1.80
N GLU B 172 0.53 -14.70 -0.78
CA GLU B 172 -0.80 -15.24 -0.90
C GLU B 172 -1.82 -14.10 -0.97
N PRO B 173 -2.67 -14.08 -2.00
CA PRO B 173 -3.74 -13.05 -2.09
C PRO B 173 -4.62 -12.84 -0.86
N LEU B 174 -4.83 -13.83 0.00
CA LEU B 174 -5.57 -13.61 1.25
C LEU B 174 -4.63 -13.32 2.41
N GLY B 175 -3.32 -13.34 2.16
CA GLY B 175 -2.35 -13.14 3.22
C GLY B 175 -2.65 -11.96 4.12
N SER B 176 -2.89 -10.79 3.52
CA SER B 176 -3.14 -9.62 4.34
C SER B 176 -4.45 -9.77 5.10
N ALA B 177 -5.44 -10.42 4.50
CA ALA B 177 -6.69 -10.68 5.24
C ALA B 177 -6.45 -11.65 6.38
N VAL B 178 -5.67 -12.70 6.16
CA VAL B 178 -5.40 -13.65 7.24
C VAL B 178 -4.64 -12.97 8.37
N GLN B 179 -3.64 -12.16 8.04
CA GLN B 179 -2.79 -11.62 9.09
C GLN B 179 -3.52 -10.54 9.87
N LEU B 180 -4.24 -9.66 9.19
CA LEU B 180 -4.92 -8.59 9.91
C LEU B 180 -6.05 -9.14 10.76
N ARG B 181 -6.70 -10.20 10.29
CA ARG B 181 -7.83 -10.75 11.05
C ARG B 181 -7.37 -11.32 12.39
N VAL B 182 -6.22 -12.00 12.41
CA VAL B 182 -5.74 -12.58 13.66
C VAL B 182 -5.04 -11.52 14.52
N VAL B 183 -4.27 -10.62 13.91
CA VAL B 183 -3.47 -9.71 14.72
C VAL B 183 -4.34 -8.63 15.34
N GLU B 184 -5.43 -8.22 14.68
CA GLU B 184 -6.27 -7.19 15.29
C GLU B 184 -7.12 -7.76 16.43
N THR B 185 -7.41 -9.06 16.41
CA THR B 185 -7.97 -9.69 17.59
C THR B 185 -7.06 -9.49 18.80
N ILE B 186 -5.80 -9.91 18.69
CA ILE B 186 -4.89 -9.99 19.83
C ILE B 186 -4.08 -8.73 20.08
N ALA B 187 -4.16 -7.73 19.20
CA ALA B 187 -3.28 -6.57 19.33
C ALA B 187 -3.47 -5.88 20.67
N LEU B 188 -4.72 -5.72 21.11
CA LEU B 188 -4.99 -4.97 22.33
C LEU B 188 -4.41 -5.67 23.55
N ASP B 189 -4.55 -6.99 23.61
CA ASP B 189 -4.05 -7.75 24.74
C ASP B 189 -2.51 -7.76 24.76
N ILE B 190 -1.89 -7.72 23.59
CA ILE B 190 -0.42 -7.67 23.52
C ILE B 190 0.09 -6.36 24.07
N ALA B 191 -0.51 -5.24 23.65
CA ALA B 191 -0.07 -3.92 24.09
C ALA B 191 -0.35 -3.69 25.57
N VAL B 192 -1.35 -4.38 26.13
CA VAL B 192 -1.57 -4.30 27.56
C VAL B 192 -0.52 -5.10 28.31
N GLY B 193 -0.21 -6.30 27.83
CA GLY B 193 0.91 -7.04 28.39
C GLY B 193 2.16 -6.20 28.47
N PHE B 194 2.51 -5.53 27.36
CA PHE B 194 3.73 -4.71 27.30
C PHE B 194 3.68 -3.57 28.32
N ARG B 195 2.51 -2.96 28.53
CA ARG B 195 2.41 -1.87 29.50
C ARG B 195 2.70 -2.35 30.91
N ARG B 196 2.16 -3.49 31.27
CA ARG B 196 2.52 -4.11 32.54
C ARG B 196 4.01 -4.45 32.58
N VAL B 197 4.46 -5.25 31.61
CA VAL B 197 5.81 -5.82 31.66
C VAL B 197 6.87 -4.71 31.77
N TYR B 198 6.82 -3.73 30.88
CA TYR B 198 7.88 -2.73 30.85
C TYR B 198 7.71 -1.65 31.90
N GLY B 199 6.59 -1.64 32.63
CA GLY B 199 6.57 -0.94 33.90
C GLY B 199 7.33 -1.66 34.99
N LYS B 200 7.51 -2.98 34.87
CA LYS B 200 8.09 -3.83 35.90
C LYS B 200 9.56 -4.16 35.65
N VAL B 201 10.21 -3.45 34.74
CA VAL B 201 11.64 -3.64 34.50
C VAL B 201 12.40 -2.73 35.46
N LEU B 202 13.16 -3.36 36.34
CA LEU B 202 14.00 -2.58 37.31
C LEU B 202 15.46 -2.94 37.07
N ALA B 203 16.29 -1.92 36.85
CA ALA B 203 17.74 -2.14 36.67
C ALA B 203 18.38 -2.31 38.04
N GLY B 204 18.65 -1.23 38.75
CA GLY B 204 19.16 -1.33 40.13
C GLY B 204 18.00 -1.08 41.07
N GLY B 205 17.01 -1.97 41.04
CA GLY B 205 15.78 -1.71 41.82
C GLY B 205 15.06 -0.52 41.24
N GLU B 206 15.65 0.14 40.23
CA GLU B 206 15.04 1.36 39.71
C GLU B 206 14.41 1.11 38.36
N PRO B 207 13.18 1.54 38.14
CA PRO B 207 12.52 1.28 36.85
C PRO B 207 13.23 1.96 35.69
N VAL B 208 13.53 1.17 34.66
CA VAL B 208 14.09 1.73 33.44
C VAL B 208 13.06 2.65 32.78
N PHE B 209 11.78 2.31 32.90
CA PHE B 209 10.72 3.05 32.25
C PHE B 209 9.91 3.76 33.34
N GLY B 210 10.27 5.01 33.60
CA GLY B 210 9.74 5.76 34.73
C GLY B 210 8.71 6.80 34.38
N GLU B 211 8.99 7.64 33.38
CA GLU B 211 8.06 8.70 32.99
C GLU B 211 6.84 8.16 32.26
N LYS B 212 5.89 9.04 31.97
CA LYS B 212 4.70 8.62 31.24
C LYS B 212 5.00 8.47 29.76
N ASP B 213 5.64 9.46 29.15
CA ASP B 213 5.80 9.46 27.71
C ASP B 213 6.86 8.48 27.23
N GLN B 214 7.49 7.73 28.14
CA GLN B 214 8.32 6.60 27.71
C GLN B 214 7.47 5.47 27.17
N PHE B 215 6.17 5.47 27.46
CA PHE B 215 5.20 4.50 26.95
C PHE B 215 4.38 5.05 25.80
N ALA B 216 4.84 6.10 25.13
CA ALA B 216 4.09 6.66 24.01
C ALA B 216 3.58 5.56 23.07
N TRP B 217 4.51 4.71 22.60
CA TRP B 217 4.17 3.65 21.66
C TRP B 217 3.12 2.70 22.22
N ILE B 218 3.32 2.27 23.46
CA ILE B 218 2.41 1.28 24.03
C ILE B 218 1.06 1.89 24.33
N ASP B 219 1.03 3.16 24.76
CA ASP B 219 -0.23 3.78 25.14
C ASP B 219 -1.07 4.06 23.91
N ALA B 220 -0.45 4.68 22.89
CA ALA B 220 -1.15 4.93 21.64
C ALA B 220 -1.80 3.66 21.11
N HIS B 221 -1.10 2.52 21.22
CA HIS B 221 -1.67 1.29 20.70
C HIS B 221 -2.84 0.81 21.54
N ILE B 222 -2.72 0.97 22.86
CA ILE B 222 -3.81 0.48 23.73
C ILE B 222 -5.04 1.33 23.40
N LYS B 223 -4.83 2.61 23.11
CA LYS B 223 -5.95 3.50 22.73
C LYS B 223 -6.54 3.03 21.40
N ALA B 224 -5.82 3.22 20.31
CA ALA B 224 -6.29 2.81 18.96
C ALA B 224 -7.03 1.48 19.03
N GLU B 225 -6.31 0.38 19.14
CA GLU B 225 -6.94 -0.97 19.13
C GLU B 225 -7.55 -1.25 20.50
N GLY B 238 -14.80 -5.55 6.83
CA GLY B 238 -14.35 -6.82 7.39
C GLY B 238 -13.45 -7.61 6.45
N MET B 239 -12.46 -8.28 7.05
CA MET B 239 -11.46 -9.04 6.29
C MET B 239 -12.07 -10.23 5.55
N THR B 240 -13.21 -10.73 6.00
CA THR B 240 -13.95 -11.73 5.23
C THR B 240 -14.50 -11.17 3.93
N GLY B 241 -14.64 -9.84 3.85
CA GLY B 241 -15.07 -9.18 2.62
C GLY B 241 -14.14 -9.39 1.44
N LEU B 242 -12.92 -9.88 1.65
CA LEU B 242 -12.01 -10.18 0.55
C LEU B 242 -12.11 -11.62 0.05
N VAL B 243 -12.94 -12.46 0.66
CA VAL B 243 -13.10 -13.83 0.19
C VAL B 243 -14.20 -13.85 -0.87
N THR B 244 -13.89 -14.42 -2.04
CA THR B 244 -14.73 -14.25 -3.22
C THR B 244 -15.53 -15.47 -3.63
N ASP B 245 -15.03 -16.69 -3.42
CA ASP B 245 -15.83 -17.90 -3.55
C ASP B 245 -15.62 -18.80 -2.35
N ALA B 246 -16.46 -19.84 -2.23
CA ALA B 246 -16.44 -20.70 -1.05
C ALA B 246 -15.14 -21.48 -0.94
N GLU B 247 -14.49 -21.75 -2.07
CA GLU B 247 -13.19 -22.40 -2.03
C GLU B 247 -12.19 -21.52 -1.29
N ARG B 248 -12.07 -20.26 -1.70
CA ARG B 248 -11.20 -19.32 -1.00
C ARG B 248 -11.59 -19.17 0.47
N GLY B 249 -12.88 -19.35 0.78
CA GLY B 249 -13.30 -19.32 2.17
C GLY B 249 -12.62 -20.40 2.98
N GLU B 250 -12.44 -21.59 2.37
CA GLU B 250 -11.82 -22.70 3.08
C GLU B 250 -10.32 -22.49 3.24
N GLU B 251 -9.65 -21.99 2.20
CA GLU B 251 -8.22 -21.74 2.36
C GLU B 251 -7.98 -20.60 3.34
N PHE B 252 -8.94 -19.67 3.46
CA PHE B 252 -8.89 -18.66 4.51
C PHE B 252 -8.85 -19.32 5.90
N VAL B 253 -9.85 -20.14 6.20
CA VAL B 253 -9.98 -20.76 7.52
C VAL B 253 -8.73 -21.58 7.83
N ARG B 254 -8.29 -22.38 6.88
CA ARG B 254 -7.10 -23.20 7.09
C ARG B 254 -5.91 -22.32 7.46
N LEU B 255 -5.68 -21.25 6.70
CA LEU B 255 -4.49 -20.43 6.90
C LEU B 255 -4.57 -19.65 8.20
N VAL B 256 -5.78 -19.27 8.64
CA VAL B 256 -5.93 -18.62 9.93
C VAL B 256 -5.55 -19.58 11.06
N GLU B 257 -6.01 -20.83 10.97
CA GLU B 257 -5.64 -21.84 11.95
C GLU B 257 -4.12 -21.94 12.07
N GLU B 258 -3.44 -22.17 10.95
CA GLU B 258 -1.98 -22.24 10.95
C GLU B 258 -1.38 -20.97 11.54
N TYR B 259 -1.91 -19.81 11.14
CA TYR B 259 -1.34 -18.54 11.56
C TYR B 259 -1.62 -18.26 13.02
N ALA B 260 -2.85 -18.49 13.47
CA ALA B 260 -3.14 -18.32 14.89
C ALA B 260 -2.30 -19.30 15.71
N GLY B 261 -2.15 -20.52 15.21
CA GLY B 261 -1.36 -21.52 15.92
C GLY B 261 0.06 -21.06 16.16
N LEU B 262 0.70 -20.48 15.15
CA LEU B 262 2.07 -20.02 15.32
C LEU B 262 2.14 -18.76 16.17
N TRP B 263 1.13 -17.87 16.07
CA TRP B 263 1.16 -16.66 16.90
C TRP B 263 1.08 -17.02 18.38
N SER B 264 0.22 -17.97 18.72
CA SER B 264 0.10 -18.44 20.09
C SER B 264 1.42 -18.99 20.62
N ALA B 265 2.07 -19.84 19.83
CA ALA B 265 3.32 -20.46 20.28
C ALA B 265 4.42 -19.43 20.50
N ALA B 266 4.46 -18.40 19.67
CA ALA B 266 5.47 -17.35 19.86
C ALA B 266 5.13 -16.44 21.03
N LEU B 267 3.84 -16.18 21.27
CA LEU B 267 3.50 -15.41 22.46
C LEU B 267 3.79 -16.21 23.74
N GLU B 268 3.54 -17.52 23.72
CA GLU B 268 3.94 -18.36 24.85
C GLU B 268 5.44 -18.27 25.06
N CYS B 269 6.19 -18.24 23.97
CA CYS B 269 7.63 -18.09 24.03
C CYS B 269 8.04 -16.78 24.72
N PHE B 270 7.19 -15.74 24.66
CA PHE B 270 7.46 -14.55 25.45
C PHE B 270 7.29 -14.82 26.93
N GLY B 271 6.20 -15.50 27.29
CA GLY B 271 5.93 -15.77 28.69
C GLY B 271 7.03 -16.56 29.37
N ASP B 272 7.45 -17.66 28.74
CA ASP B 272 8.53 -18.49 29.27
C ASP B 272 9.80 -17.68 29.55
N ARG B 273 10.00 -16.57 28.84
CA ARG B 273 11.18 -15.77 29.02
C ARG B 273 11.02 -14.70 30.10
N LEU B 274 9.78 -14.35 30.46
CA LEU B 274 9.58 -13.40 31.53
C LEU B 274 9.66 -14.04 32.90
N THR B 275 9.54 -15.37 32.97
CA THR B 275 9.55 -16.10 34.22
C THR B 275 10.91 -16.79 34.43
FE FE2 C . -5.39 9.97 -9.73
C01 A1EAJ D . -3.00 10.94 -14.40
C02 A1EAJ D . -3.11 10.04 -13.44
C03 A1EAJ D . -4.09 10.23 -12.30
C04 A1EAJ D . -5.24 9.24 -12.49
C08 A1EAJ D . -2.30 8.74 -13.45
C09 A1EAJ D . -3.84 12.24 -14.42
N07 A1EAJ D . -3.44 9.86 -11.04
O05 A1EAJ D . -5.51 8.78 -13.65
O06 A1EAJ D . -5.91 8.88 -11.49
FE FE2 E . 1.24 -0.67 15.35
C01 A1EAJ F . 0.52 -4.91 18.18
C02 A1EAJ F . 0.89 -4.62 16.94
C03 A1EAJ F . 1.14 -3.15 16.59
C04 A1EAJ F . 2.63 -2.89 16.33
C08 A1EAJ F . 1.05 -5.71 15.90
C09 A1EAJ F . 0.37 -3.80 19.21
N07 A1EAJ F . 0.39 -2.79 15.40
O05 A1EAJ F . 3.50 -3.73 16.69
O06 A1EAJ F . 3.01 -1.83 15.77
#